data_8VHG
#
_entry.id   8VHG
#
loop_
_entity.id
_entity.type
_entity.pdbx_description
1 polymer 'Endothelial PAS domain-containing protein 1'
2 polymer 'Basic helix-loop-helix ARNT-like protein 1'
3 polymer 'Reverse strand DNA containing HRE motif'
4 polymer 'Forward strand DNA containing HRE motif'
#
loop_
_entity_poly.entity_id
_entity_poly.type
_entity_poly.pdbx_seq_one_letter_code
_entity_poly.pdbx_strand_id
1 'polypeptide(L)'
;MGSSHHHHHHSSGLVPRGSHMADKEKKRSSSELRKEKSRDAARCRRSKETEVFYELAHELPLPHSVSSHLDKASIMRLAI
SFLRTHKLLSSVCSENESEAEADQQMDNLYLKALEGFIAVVTQDGDMIFLSENISKFMGLTQVELTGHSIFDFTHPCDHE
EIRENLTLKNGSGFGKKSKDVSTERDFFMRMKCTVTNRGRTVNLKSATWKVLHCTGQVRVYNNCPPHSSLCGSKEPLLSC
LIIMCEPIQHPSHMDIPLDSKTFLSRHSMDMKFTYCDDRILELIGYHPEELLGRSAYEFYHALDSENMTKSHQNLCTKGQ
VVSGQYRMLAKHGGYVWLETQGTVIYNPRNLQPQCIMCVNYVLSEIEKNDVVFSMDQTES
;
A
2 'polypeptide(L)'
;GRIKNAREAHSQIEKRRRDKMNSFIDELASLVPTCNAMSRKLDKLTVLRMAVQHMKTLRGATNPYTEANYKPTFLSDDEL
KHLILRAADGFLFVVGCDRGKILFVSESVFKILNYSQNDLIGQSLFDYLHPKDIAKVKEQLSSSDTAPRERLIDAKTGLP
VKTDITPGPSRLCSGARRSFFCRMKCNRPSVKVEDKDFASTCSKKKADRKSFCTIHSTGYLKSWPPTKMGLDEDNEPDNE
GCNLSCLVAIGRLHSHMVPQPANGEIRVKSMEYVSRHAIDGKFVFVDQRATAILAYLPQELLGTSCYEYFHQDDIGHLAE
CHRQVLQTREKITTNCYKFKIKDGSFITLRSRWFSFMNPWTKEVEYIVSTNTVVLANVLEGGDPTFPQLTAPPHSMDSML
PSGEGGPKRTHPTVPGIPGGTENLYFQSDYKDDDDK
;
B
3 'polydeoxyribonucleotide'
;(DC)(DA)(DC)(DG)(DA)(DC)(DC)(DC)(DG)(DC)(DA)(DC)(DG)(DT)(DA)(DC)(DG)(DC)(DA)(DG)
(DC)(DT)(DC)(DC)
;
C
4 'polydeoxyribonucleotide'
;(DG)(DG)(DA)(DG)(DC)(DT)(DG)(DC)(DG)(DT)(DA)(DC)(DG)(DT)(DG)(DC)(DG)(DG)(DG)(DT)
(DC)(DG)(DT)(DG)
;
D
#
loop_
_chem_comp.id
_chem_comp.type
_chem_comp.name
_chem_comp.formula
DA DNA linking 2'-DEOXYADENOSINE-5'-MONOPHOSPHATE 'C10 H14 N5 O6 P'
DC DNA linking 2'-DEOXYCYTIDINE-5'-MONOPHOSPHATE 'C9 H14 N3 O7 P'
DG DNA linking 2'-DEOXYGUANOSINE-5'-MONOPHOSPHATE 'C10 H14 N5 O7 P'
DT DNA linking THYMIDINE-5'-MONOPHOSPHATE 'C10 H15 N2 O8 P'
#
# COMPACT_ATOMS: atom_id res chain seq x y z
N GLU A 32 12.18 41.24 -55.02
CA GLU A 32 11.40 42.31 -54.40
C GLU A 32 9.94 41.92 -54.27
N LEU A 33 9.56 40.84 -54.95
CA LEU A 33 8.17 40.43 -55.01
C LEU A 33 7.87 39.16 -54.23
N ARG A 34 8.89 38.38 -53.88
CA ARG A 34 8.63 37.14 -53.18
C ARG A 34 8.18 37.38 -51.74
N LYS A 35 8.82 38.31 -51.06
CA LYS A 35 8.62 38.44 -49.62
C LYS A 35 7.15 38.77 -49.29
N GLU A 36 6.53 39.66 -50.08
CA GLU A 36 5.19 40.12 -49.74
C GLU A 36 4.18 38.98 -49.77
N LYS A 37 4.19 38.18 -50.85
CA LYS A 37 3.27 37.06 -50.94
C LYS A 37 3.49 36.09 -49.79
N SER A 38 4.76 35.80 -49.49
CA SER A 38 5.08 34.84 -48.44
C SER A 38 4.54 35.31 -47.10
N ARG A 39 4.79 36.58 -46.76
CA ARG A 39 4.39 37.04 -45.43
C ARG A 39 2.87 37.09 -45.31
N ASP A 40 2.15 37.54 -46.35
CA ASP A 40 0.69 37.57 -46.23
C ASP A 40 0.12 36.18 -46.02
N ALA A 41 0.56 35.21 -46.83
CA ALA A 41 0.05 33.84 -46.67
C ALA A 41 0.38 33.29 -45.30
N ALA A 42 1.62 33.55 -44.84
CA ALA A 42 2.04 33.04 -43.55
C ALA A 42 1.19 33.61 -42.42
N ARG A 43 0.90 34.91 -42.48
CA ARG A 43 0.11 35.53 -41.42
C ARG A 43 -1.25 34.87 -41.33
N CYS A 44 -1.92 34.69 -42.48
CA CYS A 44 -3.25 34.08 -42.45
C CYS A 44 -3.19 32.66 -41.88
N ARG A 45 -2.19 31.88 -42.28
CA ARG A 45 -2.11 30.49 -41.80
C ARG A 45 -1.85 30.44 -40.31
N ARG A 46 -0.96 31.30 -39.80
CA ARG A 46 -0.73 31.39 -38.35
C ARG A 46 -2.04 31.60 -37.61
N SER A 47 -2.79 32.63 -38.04
CA SER A 47 -4.02 32.95 -37.32
C SER A 47 -4.99 31.77 -37.32
N LYS A 48 -5.15 31.12 -38.48
CA LYS A 48 -6.14 30.05 -38.58
C LYS A 48 -5.78 28.89 -37.67
N GLU A 49 -4.47 28.57 -37.58
CA GLU A 49 -4.04 27.45 -36.75
C GLU A 49 -4.33 27.72 -35.27
N THR A 50 -3.99 28.92 -34.79
CA THR A 50 -4.25 29.16 -33.36
C THR A 50 -5.76 29.13 -33.07
N GLU A 51 -6.58 29.62 -34.01
CA GLU A 51 -8.02 29.65 -33.75
C GLU A 51 -8.61 28.24 -33.68
N VAL A 52 -8.16 27.35 -34.58
CA VAL A 52 -8.60 25.95 -34.50
C VAL A 52 -8.19 25.35 -33.17
N PHE A 53 -6.96 25.64 -32.72
CA PHE A 53 -6.51 25.12 -31.44
C PHE A 53 -7.46 25.51 -30.31
N TYR A 54 -7.77 26.79 -30.23
CA TYR A 54 -8.58 27.25 -29.13
C TYR A 54 -9.97 26.63 -29.16
N GLU A 55 -10.58 26.53 -30.35
CA GLU A 55 -11.92 25.96 -30.38
C GLU A 55 -11.91 24.49 -29.97
N LEU A 56 -10.90 23.72 -30.39
CA LEU A 56 -10.81 22.35 -29.90
C LEU A 56 -10.66 22.34 -28.38
N ALA A 57 -9.95 23.33 -27.84
CA ALA A 57 -9.81 23.40 -26.38
C ALA A 57 -11.15 23.64 -25.71
N HIS A 58 -12.03 24.41 -26.33
CA HIS A 58 -13.19 24.92 -25.63
C HIS A 58 -14.01 23.77 -25.02
N GLU A 59 -14.47 22.82 -25.86
CA GLU A 59 -15.30 21.71 -25.35
C GLU A 59 -14.39 20.74 -24.61
N LEU A 60 -14.36 20.88 -23.30
CA LEU A 60 -13.54 20.03 -22.44
C LEU A 60 -14.33 19.69 -21.18
N PRO A 61 -13.94 18.62 -20.49
CA PRO A 61 -14.62 18.32 -19.21
C PRO A 61 -14.46 19.42 -18.18
N LEU A 62 -13.45 20.28 -18.30
CA LEU A 62 -13.26 21.36 -17.34
C LEU A 62 -14.32 22.44 -17.52
N PRO A 63 -14.56 23.25 -16.49
CA PRO A 63 -15.50 24.37 -16.64
C PRO A 63 -14.96 25.44 -17.55
N HIS A 64 -15.76 26.50 -17.78
CA HIS A 64 -15.36 27.54 -18.72
C HIS A 64 -14.17 28.34 -18.22
N SER A 65 -14.23 28.82 -16.97
CA SER A 65 -13.31 29.86 -16.53
C SER A 65 -11.86 29.39 -16.51
N VAL A 66 -11.61 28.18 -16.03
CA VAL A 66 -10.25 27.73 -15.76
C VAL A 66 -9.73 26.82 -16.88
N SER A 67 -10.37 26.83 -18.04
CA SER A 67 -9.90 26.06 -19.18
C SER A 67 -9.52 26.92 -20.38
N SER A 68 -10.22 28.03 -20.61
CA SER A 68 -10.02 28.84 -21.81
C SER A 68 -8.88 29.83 -21.70
N HIS A 69 -8.18 29.87 -20.57
CA HIS A 69 -7.08 30.80 -20.36
C HIS A 69 -5.83 30.05 -19.89
N LEU A 70 -5.51 28.98 -20.58
CA LEU A 70 -4.37 28.13 -20.26
C LEU A 70 -3.30 28.21 -21.35
N ASP A 71 -2.15 27.63 -21.03
CA ASP A 71 -1.04 27.57 -21.96
C ASP A 71 -1.34 26.57 -23.06
N LYS A 72 -0.62 26.71 -24.18
CA LYS A 72 -0.89 25.87 -25.34
C LYS A 72 -0.40 24.44 -25.14
N ALA A 73 0.68 24.25 -24.38
CA ALA A 73 1.22 22.91 -24.21
C ALA A 73 0.27 21.99 -23.46
N SER A 74 -0.47 22.52 -22.48
CA SER A 74 -1.36 21.69 -21.69
C SER A 74 -2.61 21.28 -22.44
N ILE A 75 -3.02 22.07 -23.44
CA ILE A 75 -4.27 21.76 -24.14
C ILE A 75 -4.17 20.41 -24.83
N MET A 76 -3.06 20.17 -25.52
CA MET A 76 -2.88 18.94 -26.27
C MET A 76 -2.89 17.73 -25.35
N ARG A 77 -2.07 17.76 -24.29
CA ARG A 77 -1.97 16.62 -23.40
C ARG A 77 -3.27 16.39 -22.63
N LEU A 78 -3.96 17.47 -22.25
CA LEU A 78 -5.23 17.33 -21.55
C LEU A 78 -6.29 16.68 -22.45
N ALA A 79 -6.37 17.12 -23.71
CA ALA A 79 -7.34 16.50 -24.61
C ALA A 79 -7.02 15.05 -24.87
N ILE A 80 -5.74 14.72 -25.09
CA ILE A 80 -5.36 13.33 -25.32
C ILE A 80 -5.64 12.48 -24.09
N SER A 81 -5.41 13.05 -22.91
CA SER A 81 -5.69 12.33 -21.67
C SER A 81 -7.18 12.06 -21.52
N PHE A 82 -8.03 13.04 -21.83
CA PHE A 82 -9.46 12.80 -21.77
C PHE A 82 -9.87 11.72 -22.76
N LEU A 83 -9.30 11.77 -23.96
CA LEU A 83 -9.64 10.75 -24.96
C LEU A 83 -9.26 9.37 -24.47
N ARG A 84 -8.09 9.23 -23.84
CA ARG A 84 -7.69 7.91 -23.36
C ARG A 84 -8.54 7.45 -22.19
N THR A 85 -8.84 8.34 -21.25
CA THR A 85 -9.64 7.93 -20.09
C THR A 85 -11.09 7.70 -20.44
N HIS A 86 -11.55 8.15 -21.60
CA HIS A 86 -12.85 7.76 -22.11
C HIS A 86 -12.77 6.62 -23.12
N LYS A 87 -11.56 6.22 -23.54
CA LYS A 87 -11.42 5.10 -24.46
C LYS A 87 -11.15 3.79 -23.73
N LEU A 88 -10.05 3.72 -22.99
CA LEU A 88 -9.70 2.50 -22.26
C LEU A 88 -10.59 2.27 -21.05
N LEU A 89 -11.58 3.12 -20.82
CA LEU A 89 -12.60 2.88 -19.80
C LEU A 89 -13.62 1.85 -20.27
N SER A 90 -13.95 1.85 -21.56
CA SER A 90 -14.84 0.83 -22.13
C SER A 90 -14.12 -0.46 -22.47
N SER A 91 -12.78 -0.47 -22.41
CA SER A 91 -12.05 -1.70 -22.70
C SER A 91 -12.38 -2.79 -21.69
N VAL A 92 -12.47 -2.42 -20.41
CA VAL A 92 -13.02 -3.29 -19.37
C VAL A 92 -14.08 -2.49 -18.63
N CYS A 93 -15.30 -2.48 -19.17
CA CYS A 93 -16.43 -1.84 -18.51
C CYS A 93 -17.59 -2.79 -18.28
N SER A 94 -18.05 -3.47 -19.32
CA SER A 94 -19.24 -4.30 -19.24
C SER A 94 -18.99 -5.70 -19.76
N ASN A 108 -23.26 7.50 -6.10
CA ASN A 108 -23.07 8.94 -6.13
C ASN A 108 -22.17 9.42 -5.00
N LEU A 109 -21.83 8.51 -4.07
CA LEU A 109 -21.08 8.91 -2.89
C LEU A 109 -19.84 8.04 -2.68
N TYR A 110 -19.21 7.59 -3.77
CA TYR A 110 -18.04 6.73 -3.64
C TYR A 110 -16.75 7.53 -3.48
N LEU A 111 -16.60 8.66 -4.16
CA LEU A 111 -15.42 9.49 -3.98
C LEU A 111 -15.33 10.02 -2.55
N LYS A 112 -16.41 10.64 -2.07
CA LYS A 112 -16.46 10.96 -0.65
C LYS A 112 -16.77 9.68 0.13
N ALA A 113 -16.59 9.74 1.45
CA ALA A 113 -16.55 8.55 2.29
C ALA A 113 -15.48 7.60 1.76
N LEU A 114 -14.28 8.14 1.59
CA LEU A 114 -13.14 7.42 1.04
C LEU A 114 -11.88 8.21 1.31
N GLU A 115 -10.84 7.58 1.85
CA GLU A 115 -9.63 8.26 2.28
C GLU A 115 -8.60 8.21 1.15
N GLY A 116 -8.41 9.34 0.47
CA GLY A 116 -7.38 9.42 -0.56
C GLY A 116 -7.89 9.80 -1.93
N PHE A 117 -7.40 9.12 -2.96
CA PHE A 117 -7.77 9.45 -4.33
C PHE A 117 -7.53 8.25 -5.22
N ILE A 118 -8.10 8.29 -6.41
CA ILE A 118 -7.94 7.25 -7.42
C ILE A 118 -7.06 7.79 -8.52
N ALA A 119 -5.93 7.13 -8.74
CA ALA A 119 -5.04 7.44 -9.85
C ALA A 119 -4.97 6.22 -10.78
N VAL A 120 -4.39 6.43 -11.96
CA VAL A 120 -4.22 5.36 -12.94
C VAL A 120 -3.08 5.75 -13.86
N VAL A 121 -2.28 4.75 -14.27
CA VAL A 121 -1.10 4.98 -15.09
C VAL A 121 -0.97 3.86 -16.11
N THR A 122 -0.07 4.08 -17.08
CA THR A 122 0.33 3.09 -18.08
C THR A 122 1.83 2.83 -17.95
N GLN A 123 2.37 2.01 -18.85
CA GLN A 123 3.75 1.58 -18.75
C GLN A 123 4.76 2.65 -19.19
N ASP A 124 4.31 3.75 -19.77
CA ASP A 124 5.21 4.80 -20.20
C ASP A 124 5.47 5.84 -19.12
N GLY A 125 4.92 5.64 -17.92
CA GLY A 125 5.08 6.59 -16.85
C GLY A 125 4.34 7.88 -17.09
N ASP A 126 3.00 7.80 -17.12
CA ASP A 126 2.19 8.99 -17.36
C ASP A 126 0.77 8.71 -16.86
N MET A 127 0.38 9.39 -15.80
CA MET A 127 -0.97 9.27 -15.29
C MET A 127 -1.96 9.88 -16.29
N ILE A 128 -3.15 9.29 -16.35
CA ILE A 128 -4.23 9.78 -17.21
C ILE A 128 -5.28 10.51 -16.40
N PHE A 129 -5.93 9.81 -15.46
CA PHE A 129 -7.00 10.38 -14.67
C PHE A 129 -6.60 10.48 -13.21
N LEU A 130 -7.10 11.53 -12.55
CA LEU A 130 -6.91 11.72 -11.12
C LEU A 130 -8.25 12.12 -10.50
N SER A 131 -8.46 11.70 -9.25
CA SER A 131 -9.68 12.04 -8.56
C SER A 131 -9.68 13.50 -8.15
N GLU A 132 -10.88 14.02 -7.88
CA GLU A 132 -11.01 15.43 -7.55
C GLU A 132 -10.51 15.74 -6.15
N ASN A 133 -10.41 14.75 -5.27
CA ASN A 133 -9.90 14.94 -3.93
C ASN A 133 -8.38 15.07 -3.89
N ILE A 134 -7.72 15.05 -5.04
CA ILE A 134 -6.27 15.15 -5.09
C ILE A 134 -5.79 16.49 -4.54
N SER A 135 -6.66 17.50 -4.50
CA SER A 135 -6.32 18.84 -4.04
C SER A 135 -6.38 18.98 -2.53
N LYS A 136 -6.41 17.88 -1.79
CA LYS A 136 -6.45 17.94 -0.34
C LYS A 136 -5.52 16.94 0.34
N PHE A 137 -4.80 16.12 -0.41
CA PHE A 137 -3.88 15.16 0.19
C PHE A 137 -2.48 15.20 -0.41
N MET A 138 -2.24 15.95 -1.49
CA MET A 138 -0.87 16.27 -1.89
C MET A 138 -0.65 17.71 -2.30
N GLY A 139 -1.70 18.52 -2.46
CA GLY A 139 -1.56 19.96 -2.62
C GLY A 139 -1.81 20.53 -3.99
N LEU A 140 -1.91 19.70 -5.03
CA LEU A 140 -2.05 20.17 -6.40
C LEU A 140 -3.38 19.71 -6.98
N THR A 141 -3.73 20.29 -8.13
CA THR A 141 -5.00 19.99 -8.78
C THR A 141 -4.81 19.02 -9.93
N GLN A 142 -5.90 18.73 -10.63
CA GLN A 142 -5.89 17.73 -11.69
C GLN A 142 -5.25 18.26 -12.96
N VAL A 143 -5.44 19.54 -13.27
CA VAL A 143 -5.16 20.04 -14.61
C VAL A 143 -3.67 20.07 -14.90
N GLU A 144 -2.83 20.31 -13.89
CA GLU A 144 -1.39 20.28 -14.12
C GLU A 144 -0.80 18.88 -14.07
N LEU A 145 -1.55 17.90 -13.59
CA LEU A 145 -1.03 16.55 -13.32
C LEU A 145 -1.79 15.48 -14.09
N THR A 146 -2.20 15.78 -15.32
CA THR A 146 -3.11 14.88 -16.03
C THR A 146 -2.52 14.46 -17.37
N GLY A 147 -1.29 13.96 -17.34
CA GLY A 147 -0.60 13.56 -18.55
C GLY A 147 0.90 13.77 -18.46
N HIS A 148 1.32 14.54 -17.46
CA HIS A 148 2.73 14.65 -17.16
C HIS A 148 3.30 13.30 -16.74
N SER A 149 4.62 13.23 -16.69
CA SER A 149 5.29 11.99 -16.31
C SER A 149 5.37 11.86 -14.80
N ILE A 150 5.07 10.67 -14.29
CA ILE A 150 5.26 10.38 -12.87
C ILE A 150 6.74 10.45 -12.53
N PHE A 151 7.61 10.20 -13.51
CA PHE A 151 9.04 10.25 -13.28
C PHE A 151 9.52 11.63 -12.85
N ASP A 152 8.80 12.68 -13.22
CA ASP A 152 9.17 14.04 -12.86
C ASP A 152 8.55 14.50 -11.55
N PHE A 153 7.77 13.66 -10.88
CA PHE A 153 7.24 13.96 -9.56
C PHE A 153 7.67 12.97 -8.49
N THR A 154 8.14 11.79 -8.86
CA THR A 154 8.66 10.83 -7.91
C THR A 154 10.10 11.15 -7.57
N HIS A 155 10.71 10.33 -6.72
CA HIS A 155 12.10 10.54 -6.31
C HIS A 155 13.03 9.77 -7.24
N PRO A 156 14.00 10.43 -7.87
CA PRO A 156 14.91 9.72 -8.77
C PRO A 156 15.77 8.70 -8.02
N CYS A 157 16.21 7.70 -8.78
CA CYS A 157 16.80 6.47 -8.25
C CYS A 157 15.93 5.84 -7.17
N ASP A 158 14.61 6.03 -7.29
CA ASP A 158 13.60 5.31 -6.53
C ASP A 158 12.46 4.91 -7.45
N HIS A 159 12.80 4.50 -8.68
CA HIS A 159 11.81 4.23 -9.70
C HIS A 159 12.00 2.94 -10.46
N GLU A 160 13.13 2.24 -10.31
CA GLU A 160 13.28 0.94 -10.96
C GLU A 160 12.19 -0.02 -10.51
N GLU A 161 11.82 0.05 -9.23
CA GLU A 161 10.72 -0.77 -8.73
C GLU A 161 9.41 -0.42 -9.42
N ILE A 162 9.15 0.87 -9.64
CA ILE A 162 7.90 1.28 -10.28
C ILE A 162 7.88 0.85 -11.74
N ARG A 163 9.01 1.04 -12.44
CA ARG A 163 9.11 0.63 -13.83
C ARG A 163 9.02 -0.87 -13.99
N GLU A 164 9.40 -1.62 -12.96
CA GLU A 164 9.19 -3.06 -12.98
C GLU A 164 7.74 -3.42 -12.68
N ASN A 165 7.11 -2.71 -11.74
CA ASN A 165 5.72 -2.99 -11.40
C ASN A 165 4.80 -2.74 -12.58
N LEU A 166 5.04 -1.64 -13.31
CA LEU A 166 4.09 -1.21 -14.34
C LEU A 166 4.04 -2.18 -15.52
N THR A 167 5.13 -2.88 -15.79
CA THR A 167 5.15 -3.80 -16.92
C THR A 167 4.37 -5.07 -16.59
N LEU A 168 4.19 -5.90 -17.62
CA LEU A 168 3.34 -7.08 -17.49
C LEU A 168 4.09 -8.20 -16.76
N LYS A 169 3.44 -9.36 -16.65
CA LYS A 169 4.01 -10.51 -15.96
C LYS A 169 3.84 -11.77 -16.80
N THR A 183 -2.04 -10.21 -11.80
CA THR A 183 -3.25 -9.38 -11.75
C THR A 183 -3.28 -8.58 -10.46
N GLU A 184 -2.58 -9.06 -9.43
CA GLU A 184 -2.60 -8.47 -8.10
C GLU A 184 -1.22 -7.92 -7.78
N ARG A 185 -1.09 -6.59 -7.72
CA ARG A 185 0.17 -5.94 -7.39
C ARG A 185 -0.05 -4.98 -6.24
N ASP A 186 0.82 -5.06 -5.22
CA ASP A 186 0.87 -4.12 -4.12
C ASP A 186 2.32 -3.75 -3.86
N PHE A 187 2.55 -2.51 -3.42
CA PHE A 187 3.90 -1.99 -3.29
C PHE A 187 3.86 -0.69 -2.47
N PHE A 188 4.97 0.03 -2.46
CA PHE A 188 5.08 1.33 -1.82
C PHE A 188 5.72 2.32 -2.79
N MET A 189 5.41 3.60 -2.59
CA MET A 189 5.85 4.66 -3.50
C MET A 189 5.87 5.98 -2.75
N ARG A 190 6.92 6.77 -2.96
CA ARG A 190 7.03 8.10 -2.39
C ARG A 190 6.89 9.14 -3.50
N MET A 191 6.20 10.24 -3.19
CA MET A 191 5.89 11.27 -4.19
C MET A 191 5.73 12.61 -3.48
N LYS A 192 5.83 13.68 -4.26
CA LYS A 192 5.59 15.03 -3.77
C LYS A 192 4.28 15.12 -2.99
N LYS A 205 7.99 23.55 -6.54
CA LYS A 205 8.50 24.75 -5.89
C LYS A 205 9.54 24.37 -4.84
N SER A 206 9.31 24.78 -3.59
CA SER A 206 10.11 24.29 -2.47
C SER A 206 9.51 22.99 -1.96
N ALA A 207 9.50 22.00 -2.84
CA ALA A 207 8.73 20.79 -2.62
C ALA A 207 9.38 19.91 -1.57
N THR A 208 8.64 19.62 -0.50
CA THR A 208 9.03 18.62 0.47
C THR A 208 8.46 17.27 0.07
N TRP A 209 9.24 16.21 0.33
CA TRP A 209 8.87 14.86 -0.11
C TRP A 209 7.80 14.27 0.80
N LYS A 210 7.00 13.36 0.22
CA LYS A 210 5.86 12.83 0.91
C LYS A 210 5.73 11.32 0.65
N VAL A 211 5.04 10.65 1.58
CA VAL A 211 4.93 9.20 1.60
C VAL A 211 3.53 8.80 1.13
N LEU A 212 3.39 7.53 0.77
CA LEU A 212 2.18 7.07 0.09
C LEU A 212 2.13 5.54 0.06
N HIS A 213 0.90 5.01 0.08
CA HIS A 213 0.62 3.59 0.08
C HIS A 213 -0.27 3.26 -1.12
N CYS A 214 0.01 2.14 -1.79
CA CYS A 214 -0.62 1.85 -3.08
C CYS A 214 -1.10 0.42 -3.14
N THR A 215 -2.32 0.24 -3.66
CA THR A 215 -2.89 -1.07 -3.93
C THR A 215 -3.59 -1.02 -5.28
N GLY A 216 -3.95 -2.17 -5.81
CA GLY A 216 -4.84 -2.21 -6.95
C GLY A 216 -4.56 -3.38 -7.87
N GLN A 217 -5.25 -3.34 -9.02
CA GLN A 217 -5.19 -4.36 -10.04
C GLN A 217 -4.85 -3.76 -11.41
N VAL A 218 -4.04 -4.51 -12.16
CA VAL A 218 -3.45 -4.09 -13.42
C VAL A 218 -4.28 -4.68 -14.55
N ARG A 219 -4.45 -3.91 -15.63
CA ARG A 219 -5.21 -4.34 -16.82
C ARG A 219 -4.84 -5.77 -17.26
N SER A 239 -1.99 -1.98 -21.62
CA SER A 239 -1.77 -2.38 -20.24
C SER A 239 -1.68 -1.15 -19.35
N CYS A 240 -2.50 -1.14 -18.30
CA CYS A 240 -2.64 0.00 -17.39
C CYS A 240 -2.63 -0.50 -15.95
N LEU A 241 -2.80 0.41 -14.99
CA LEU A 241 -2.95 0.02 -13.59
C LEU A 241 -3.74 1.06 -12.84
N ILE A 242 -4.88 0.65 -12.29
CA ILE A 242 -5.70 1.50 -11.45
C ILE A 242 -5.24 1.33 -10.00
N ILE A 243 -4.97 2.44 -9.32
CA ILE A 243 -4.39 2.38 -7.98
C ILE A 243 -5.27 3.10 -6.98
N MET A 244 -5.16 2.65 -5.73
CA MET A 244 -5.68 3.35 -4.58
C MET A 244 -4.52 4.01 -3.84
N CYS A 245 -4.83 5.12 -3.18
CA CYS A 245 -3.80 5.88 -2.47
C CYS A 245 -4.34 6.29 -1.10
N GLU A 246 -3.67 5.80 -0.05
CA GLU A 246 -4.01 6.16 1.32
C GLU A 246 -2.74 6.59 2.03
N PRO A 247 -2.51 7.89 2.18
CA PRO A 247 -1.33 8.35 2.92
C PRO A 247 -1.48 8.13 4.41
N ILE A 248 -0.34 8.04 5.09
CA ILE A 248 -0.31 7.91 6.54
C ILE A 248 -0.21 9.29 7.16
N GLN A 249 -0.95 9.50 8.23
CA GLN A 249 -0.87 10.74 9.01
C GLN A 249 0.41 10.70 9.85
N HIS A 250 0.53 11.66 10.76
CA HIS A 250 1.67 11.72 11.68
C HIS A 250 1.14 11.76 13.11
N PRO A 251 1.47 10.79 13.95
CA PRO A 251 0.90 10.73 15.30
C PRO A 251 1.27 11.90 16.21
N SER A 252 2.04 12.88 15.73
CA SER A 252 2.19 14.12 16.51
C SER A 252 0.85 14.85 16.59
N HIS A 253 0.05 14.79 15.54
CA HIS A 253 -1.32 15.30 15.54
C HIS A 253 -2.23 14.24 14.93
N MET A 254 -3.05 13.60 15.77
CA MET A 254 -3.88 12.47 15.37
C MET A 254 -5.34 12.89 15.43
N ASP A 255 -5.96 13.07 14.26
CA ASP A 255 -7.31 13.58 14.15
C ASP A 255 -8.37 12.48 14.20
N ILE A 256 -8.06 11.36 14.83
CA ILE A 256 -8.95 10.20 14.83
C ILE A 256 -9.17 9.72 16.26
N PRO A 257 -10.37 9.25 16.60
CA PRO A 257 -10.60 8.66 17.92
C PRO A 257 -10.01 7.26 18.07
N LEU A 258 -8.74 7.18 18.47
CA LEU A 258 -8.13 5.88 18.75
C LEU A 258 -8.96 5.10 19.75
N ASP A 259 -9.17 3.81 19.45
CA ASP A 259 -10.06 2.96 20.21
C ASP A 259 -9.35 2.36 21.42
N SER A 260 -10.13 1.72 22.29
CA SER A 260 -9.61 1.12 23.52
C SER A 260 -8.71 -0.07 23.26
N LYS A 261 -8.70 -0.62 22.04
CA LYS A 261 -7.81 -1.72 21.68
C LYS A 261 -6.68 -1.25 20.79
N THR A 262 -6.27 0.01 20.96
CA THR A 262 -5.23 0.64 20.15
C THR A 262 -4.20 1.22 21.10
N PHE A 263 -3.25 0.40 21.54
CA PHE A 263 -2.25 0.83 22.49
C PHE A 263 -1.05 1.43 21.77
N LEU A 264 -0.28 2.22 22.51
CA LEU A 264 0.84 2.96 21.96
C LEU A 264 2.16 2.37 22.46
N SER A 265 3.19 2.48 21.62
CA SER A 265 4.51 1.98 21.97
C SER A 265 5.55 2.80 21.24
N ARG A 266 6.79 2.72 21.71
CA ARG A 266 7.93 3.34 21.06
C ARG A 266 9.06 2.33 20.97
N HIS A 267 9.85 2.43 19.90
CA HIS A 267 10.92 1.47 19.64
C HIS A 267 12.22 2.22 19.36
N SER A 268 13.31 1.46 19.23
CA SER A 268 14.63 1.99 18.93
C SER A 268 15.04 1.61 17.52
N MET A 269 16.17 2.15 17.07
CA MET A 269 16.55 2.07 15.67
C MET A 269 16.74 0.62 15.21
N ASP A 270 17.08 -0.29 16.11
CA ASP A 270 17.41 -1.66 15.73
C ASP A 270 16.30 -2.63 16.08
N MET A 271 15.06 -2.16 16.13
CA MET A 271 13.89 -2.96 16.49
C MET A 271 14.08 -3.57 17.89
N LYS A 272 14.10 -2.67 18.87
CA LYS A 272 14.28 -3.03 20.27
C LYS A 272 13.38 -2.14 21.12
N PHE A 273 12.64 -2.75 22.05
CA PHE A 273 11.59 -2.05 22.79
C PHE A 273 12.18 -0.98 23.70
N THR A 274 11.40 0.10 23.89
CA THR A 274 11.79 1.15 24.82
C THR A 274 10.66 1.52 25.77
N TYR A 275 9.41 1.41 25.32
CA TYR A 275 8.31 1.93 26.12
C TYR A 275 6.99 1.37 25.63
N CYS A 276 6.12 1.02 26.58
CA CYS A 276 4.78 0.55 26.31
C CYS A 276 3.79 1.39 27.09
N ASP A 277 2.62 1.61 26.51
CA ASP A 277 1.58 2.36 27.19
C ASP A 277 0.91 1.50 28.25
N ASP A 278 0.08 2.14 29.07
CA ASP A 278 -0.62 1.47 30.16
C ASP A 278 -1.96 0.89 29.72
N ARG A 279 -2.13 0.64 28.42
CA ARG A 279 -3.33 0.04 27.86
C ARG A 279 -3.18 -1.46 27.67
N ILE A 280 -2.04 -2.03 28.05
CA ILE A 280 -1.69 -3.37 27.59
C ILE A 280 -2.27 -4.47 28.47
N LEU A 281 -2.41 -4.22 29.77
CA LEU A 281 -2.70 -5.31 30.71
C LEU A 281 -4.03 -5.98 30.40
N GLU A 282 -5.05 -5.18 30.07
CA GLU A 282 -6.35 -5.75 29.77
C GLU A 282 -6.33 -6.53 28.46
N LEU A 283 -5.45 -6.15 27.53
CA LEU A 283 -5.44 -6.76 26.21
C LEU A 283 -4.60 -8.04 26.20
N ILE A 284 -3.31 -7.95 26.57
CA ILE A 284 -2.45 -9.13 26.52
C ILE A 284 -1.62 -9.31 27.78
N GLY A 285 -1.53 -8.28 28.61
CA GLY A 285 -0.98 -8.46 29.94
C GLY A 285 0.50 -8.73 30.11
N TYR A 286 1.35 -7.72 29.90
CA TYR A 286 2.75 -7.73 30.32
C TYR A 286 2.95 -6.77 31.49
N HIS A 287 4.21 -6.60 31.88
CA HIS A 287 4.67 -5.58 32.83
C HIS A 287 5.83 -4.84 32.19
N PRO A 288 5.90 -3.51 32.34
CA PRO A 288 6.97 -2.75 31.68
C PRO A 288 8.38 -3.13 32.09
N GLU A 289 8.58 -3.73 33.27
CA GLU A 289 9.93 -4.03 33.73
C GLU A 289 10.64 -5.04 32.84
N GLU A 290 9.90 -5.84 32.10
CA GLU A 290 10.48 -6.70 31.07
C GLU A 290 10.53 -6.02 29.71
N LEU A 291 9.68 -5.03 29.46
CA LEU A 291 9.60 -4.35 28.17
C LEU A 291 10.72 -3.32 28.09
N LEU A 292 11.88 -3.79 27.63
CA LEU A 292 13.15 -3.09 27.69
C LEU A 292 14.02 -3.49 26.51
N GLY A 293 15.34 -3.35 26.65
CA GLY A 293 16.29 -3.62 25.59
C GLY A 293 16.28 -5.01 24.96
N ARG A 294 15.37 -5.88 25.40
CA ARG A 294 15.16 -7.13 24.70
C ARG A 294 14.83 -6.87 23.23
N SER A 295 15.44 -7.63 22.34
CA SER A 295 15.25 -7.41 20.91
C SER A 295 13.82 -7.75 20.51
N ALA A 296 13.22 -6.87 19.70
CA ALA A 296 11.86 -7.10 19.24
C ALA A 296 11.78 -8.27 18.26
N TYR A 297 12.89 -8.67 17.67
CA TYR A 297 12.89 -9.75 16.68
C TYR A 297 12.93 -11.10 17.38
N GLU A 298 12.02 -11.34 18.32
CA GLU A 298 11.94 -12.63 18.99
C GLU A 298 10.52 -13.15 19.00
N PHE A 299 9.54 -12.24 19.07
CA PHE A 299 8.14 -12.65 19.23
C PHE A 299 7.48 -13.05 17.92
N TYR A 300 8.04 -12.67 16.78
CA TYR A 300 7.47 -13.04 15.50
C TYR A 300 7.57 -14.56 15.32
N HIS A 301 6.72 -15.09 14.44
CA HIS A 301 6.50 -16.53 14.36
C HIS A 301 6.55 -16.99 12.91
N ALA A 302 7.33 -18.06 12.66
CA ALA A 302 7.37 -18.74 11.35
C ALA A 302 7.72 -17.74 10.27
N LEU A 303 6.88 -17.49 9.28
CA LEU A 303 7.21 -16.58 8.19
C LEU A 303 7.01 -15.10 8.53
N ASP A 304 6.43 -14.81 9.70
CA ASP A 304 6.27 -13.41 10.10
C ASP A 304 7.63 -12.71 10.19
N SER A 305 8.65 -13.42 10.66
CA SER A 305 9.98 -12.79 10.73
C SER A 305 10.53 -12.52 9.34
N GLU A 306 10.43 -13.50 8.43
CA GLU A 306 11.00 -13.31 7.11
C GLU A 306 10.20 -12.35 6.25
N ASN A 307 9.01 -11.94 6.69
CA ASN A 307 8.33 -10.84 5.99
C ASN A 307 8.49 -9.49 6.71
N MET A 308 8.48 -9.48 8.03
CA MET A 308 8.70 -8.21 8.71
C MET A 308 10.15 -7.76 8.61
N THR A 309 11.09 -8.64 8.23
CA THR A 309 12.43 -8.13 7.92
C THR A 309 12.38 -7.23 6.69
N LYS A 310 11.63 -7.63 5.66
CA LYS A 310 11.46 -6.77 4.51
C LYS A 310 10.69 -5.51 4.89
N SER A 311 9.69 -5.62 5.75
CA SER A 311 8.97 -4.43 6.19
C SER A 311 9.90 -3.46 6.94
N HIS A 312 10.78 -3.99 7.79
CA HIS A 312 11.69 -3.13 8.54
C HIS A 312 12.70 -2.46 7.62
N GLN A 313 13.28 -3.19 6.66
CA GLN A 313 14.19 -2.51 5.77
C GLN A 313 13.45 -1.56 4.84
N ASN A 314 12.15 -1.79 4.61
CA ASN A 314 11.35 -0.82 3.88
C ASN A 314 11.20 0.48 4.67
N LEU A 315 10.99 0.37 5.98
CA LEU A 315 10.98 1.58 6.79
C LEU A 315 12.36 2.23 6.84
N CYS A 316 13.43 1.41 6.80
CA CYS A 316 14.78 1.96 6.78
C CYS A 316 15.03 2.78 5.52
N THR A 317 14.61 2.27 4.37
CA THR A 317 14.88 2.97 3.12
C THR A 317 13.88 4.11 2.89
N LYS A 318 12.60 3.84 3.09
CA LYS A 318 11.56 4.85 2.98
C LYS A 318 11.41 5.60 4.29
N GLY A 319 10.30 6.33 4.44
CA GLY A 319 9.99 6.97 5.71
C GLY A 319 9.03 6.19 6.58
N GLN A 320 8.04 5.54 5.97
CA GLN A 320 6.97 4.87 6.69
C GLN A 320 6.90 3.39 6.30
N VAL A 321 5.86 2.72 6.81
CA VAL A 321 5.59 1.33 6.47
C VAL A 321 4.16 1.04 6.92
N VAL A 322 3.52 0.09 6.25
CA VAL A 322 2.29 -0.53 6.74
C VAL A 322 2.46 -2.03 6.62
N SER A 323 2.42 -2.73 7.75
CA SER A 323 2.66 -4.17 7.76
C SER A 323 1.38 -4.94 7.48
N GLY A 324 1.53 -6.10 6.84
CA GLY A 324 0.41 -6.88 6.39
C GLY A 324 -0.36 -7.66 7.45
N GLN A 325 0.28 -8.67 8.02
CA GLN A 325 -0.37 -9.55 9.00
C GLN A 325 0.73 -10.21 9.81
N TYR A 326 0.70 -10.05 11.13
CA TYR A 326 1.70 -10.69 11.98
C TYR A 326 1.18 -10.79 13.40
N ARG A 327 1.88 -11.58 14.21
CA ARG A 327 1.49 -11.83 15.59
C ARG A 327 2.62 -11.44 16.54
N MET A 328 2.28 -11.45 17.83
CA MET A 328 3.21 -11.07 18.89
C MET A 328 2.72 -11.74 20.16
N LEU A 329 3.54 -12.60 20.76
CA LEU A 329 3.08 -13.52 21.79
C LEU A 329 2.68 -12.74 23.06
N ALA A 330 2.18 -13.49 24.04
CA ALA A 330 1.70 -12.95 25.30
C ALA A 330 2.46 -13.59 26.47
N LYS A 331 2.04 -13.24 27.69
CA LYS A 331 2.75 -13.65 28.90
C LYS A 331 2.66 -15.14 29.19
N HIS A 332 1.74 -15.84 28.55
CA HIS A 332 1.53 -17.26 28.83
C HIS A 332 1.55 -18.10 27.55
N GLY A 333 2.17 -17.59 26.49
CA GLY A 333 2.24 -18.31 25.23
C GLY A 333 1.11 -17.94 24.29
N GLY A 334 1.20 -18.48 23.08
CA GLY A 334 0.19 -18.27 22.07
C GLY A 334 0.35 -16.93 21.37
N TYR A 335 -0.31 -16.82 20.23
CA TYR A 335 -0.20 -15.64 19.38
C TYR A 335 -1.43 -14.74 19.50
N VAL A 336 -1.19 -13.44 19.51
CA VAL A 336 -2.23 -12.42 19.43
C VAL A 336 -1.88 -11.52 18.25
N TRP A 337 -2.88 -11.21 17.43
CA TRP A 337 -2.64 -10.56 16.15
C TRP A 337 -2.62 -9.04 16.31
N LEU A 338 -1.61 -8.40 15.71
CA LEU A 338 -1.44 -6.96 15.74
C LEU A 338 -1.05 -6.47 14.35
N GLU A 339 -1.37 -5.21 14.06
CA GLU A 339 -0.95 -4.55 12.83
C GLU A 339 -0.42 -3.16 13.16
N THR A 340 0.44 -2.64 12.30
CA THR A 340 1.14 -1.40 12.59
C THR A 340 1.27 -0.53 11.34
N GLN A 341 1.48 0.76 11.58
CA GLN A 341 1.85 1.73 10.55
C GLN A 341 2.91 2.64 11.18
N GLY A 342 4.18 2.40 10.84
CA GLY A 342 5.28 3.09 11.49
C GLY A 342 5.60 4.44 10.88
N THR A 343 6.52 5.14 11.52
CA THR A 343 6.92 6.47 11.09
C THR A 343 8.37 6.72 11.49
N VAL A 344 8.94 7.78 10.94
CA VAL A 344 10.33 8.15 11.21
C VAL A 344 10.39 9.66 11.38
N ILE A 345 11.15 10.11 12.39
CA ILE A 345 11.31 11.53 12.64
C ILE A 345 12.64 12.01 12.07
N TYR A 346 12.76 13.31 11.95
CA TYR A 346 14.02 13.98 11.61
C TYR A 346 14.30 15.03 12.68
N ASN A 347 15.52 15.57 12.64
CA ASN A 347 16.01 16.44 13.70
C ASN A 347 16.18 17.86 13.19
N PRO A 348 15.71 18.87 13.92
CA PRO A 348 16.03 20.25 13.53
C PRO A 348 17.51 20.53 13.46
N ARG A 349 18.32 19.87 14.29
CA ARG A 349 19.76 20.11 14.30
C ARG A 349 20.53 19.15 13.41
N ASN A 350 19.91 18.08 12.93
CA ASN A 350 20.65 17.03 12.23
C ASN A 350 19.87 16.59 10.99
N LEU A 351 20.34 15.49 10.38
CA LEU A 351 19.81 14.96 9.13
C LEU A 351 19.53 13.46 9.19
N GLN A 352 20.02 12.75 10.20
CA GLN A 352 19.81 11.32 10.32
C GLN A 352 18.36 11.02 10.69
N PRO A 353 17.92 9.75 10.56
CA PRO A 353 16.62 9.34 11.14
C PRO A 353 16.79 9.02 12.61
N GLN A 354 16.18 9.83 13.48
CA GLN A 354 16.44 9.73 14.91
C GLN A 354 15.60 8.64 15.57
N CYS A 355 14.28 8.81 15.58
CA CYS A 355 13.40 8.02 16.41
C CYS A 355 12.25 7.44 15.58
N ILE A 356 11.85 6.22 15.92
CA ILE A 356 10.75 5.55 15.26
C ILE A 356 9.75 5.12 16.33
N MET A 357 8.49 4.99 15.92
CA MET A 357 7.45 4.55 16.83
C MET A 357 6.30 3.95 16.02
N CYS A 358 5.49 3.15 16.69
CA CYS A 358 4.44 2.40 16.04
C CYS A 358 3.09 2.75 16.63
N VAL A 359 2.05 2.30 15.94
CA VAL A 359 0.67 2.33 16.43
C VAL A 359 0.08 0.95 16.23
N ASN A 360 -0.57 0.42 17.25
CA ASN A 360 -0.95 -0.98 17.30
C ASN A 360 -2.47 -1.14 17.24
N TYR A 361 -2.91 -2.17 16.51
CA TYR A 361 -4.33 -2.52 16.37
C TYR A 361 -4.53 -3.93 16.92
N VAL A 362 -5.10 -4.02 18.12
CA VAL A 362 -5.49 -5.33 18.63
C VAL A 362 -6.61 -5.88 17.77
N LEU A 363 -6.41 -7.07 17.20
CA LEU A 363 -7.31 -7.63 16.21
C LEU A 363 -8.10 -8.80 16.76
N SER A 364 -7.41 -9.83 17.25
CA SER A 364 -8.07 -10.98 17.85
C SER A 364 -7.67 -11.08 19.32
N GLU A 365 -8.46 -11.83 20.08
CA GLU A 365 -8.18 -12.00 21.49
C GLU A 365 -7.05 -13.00 21.68
N ILE A 366 -6.75 -13.29 22.95
CA ILE A 366 -5.64 -14.19 23.26
C ILE A 366 -5.98 -15.60 22.77
N GLU A 367 -5.01 -16.23 22.11
CA GLU A 367 -5.22 -17.53 21.46
C GLU A 367 -4.06 -18.45 21.82
N LYS A 368 -4.35 -19.76 21.88
CA LYS A 368 -3.40 -20.77 22.33
C LYS A 368 -2.90 -20.44 23.74
N ASN A 369 -3.85 -20.51 24.67
CA ASN A 369 -3.65 -19.98 26.02
C ASN A 369 -2.55 -20.72 26.77
N ASP A 370 -2.59 -22.05 26.77
CA ASP A 370 -1.72 -22.79 27.67
C ASP A 370 -0.32 -22.98 27.11
N VAL A 371 -0.20 -23.28 25.82
CA VAL A 371 1.06 -23.74 25.26
C VAL A 371 2.01 -22.55 25.08
N VAL A 372 3.29 -22.78 25.39
CA VAL A 372 4.31 -21.74 25.34
C VAL A 372 5.39 -22.18 24.37
N PHE A 373 6.10 -21.18 23.81
CA PHE A 373 7.10 -21.43 22.77
C PHE A 373 8.47 -20.84 23.10
N SER A 374 8.60 -19.99 24.10
CA SER A 374 9.90 -19.41 24.44
C SER A 374 10.22 -19.64 25.92
N GLU B 8 21.64 33.51 -25.75
CA GLU B 8 22.12 32.90 -26.99
C GLU B 8 21.69 31.44 -27.08
N ALA B 9 21.64 30.77 -25.93
CA ALA B 9 21.47 29.32 -25.86
C ALA B 9 20.08 28.92 -25.37
N HIS B 10 19.04 29.62 -25.80
CA HIS B 10 17.69 29.12 -25.63
C HIS B 10 17.23 28.29 -26.82
N SER B 11 18.06 28.22 -27.88
CA SER B 11 17.72 27.41 -29.04
C SER B 11 17.48 25.96 -28.64
N GLN B 12 18.22 25.46 -27.66
CA GLN B 12 18.06 24.06 -27.24
C GLN B 12 16.70 23.83 -26.59
N ILE B 13 16.31 24.70 -25.66
CA ILE B 13 15.04 24.50 -24.96
C ILE B 13 13.88 24.68 -25.93
N GLU B 14 13.98 25.64 -26.85
CA GLU B 14 12.89 25.81 -27.80
C GLU B 14 12.86 24.70 -28.83
N LYS B 15 14.01 24.15 -29.22
CA LYS B 15 14.01 22.98 -30.09
C LYS B 15 13.34 21.80 -29.43
N ARG B 16 13.62 21.57 -28.15
CA ARG B 16 12.99 20.44 -27.46
C ARG B 16 11.49 20.64 -27.31
N ARG B 17 11.05 21.85 -26.98
CA ARG B 17 9.61 22.07 -26.85
C ARG B 17 8.91 21.95 -28.20
N ARG B 18 9.59 22.37 -29.29
CA ARG B 18 9.06 22.13 -30.62
C ARG B 18 8.94 20.65 -30.91
N ASP B 19 9.93 19.85 -30.49
CA ASP B 19 9.87 18.41 -30.72
C ASP B 19 8.68 17.80 -30.01
N LYS B 20 8.45 18.18 -28.75
CA LYS B 20 7.28 17.67 -28.04
C LYS B 20 5.99 18.12 -28.73
N MET B 21 5.96 19.37 -29.19
CA MET B 21 4.79 19.88 -29.89
C MET B 21 4.46 19.04 -31.11
N ASN B 22 5.47 18.76 -31.93
CA ASN B 22 5.19 18.01 -33.16
C ASN B 22 4.86 16.55 -32.86
N SER B 23 5.47 15.97 -31.82
CA SER B 23 5.12 14.59 -31.49
C SER B 23 3.66 14.47 -31.07
N PHE B 24 3.20 15.38 -30.18
CA PHE B 24 1.82 15.27 -29.73
C PHE B 24 0.83 15.64 -30.82
N ILE B 25 1.18 16.59 -31.70
CA ILE B 25 0.27 16.90 -32.79
C ILE B 25 0.29 15.83 -33.87
N ASP B 26 1.32 14.97 -33.89
CA ASP B 26 1.45 13.95 -34.92
C ASP B 26 0.98 12.57 -34.48
N GLU B 27 0.91 12.27 -33.18
CA GLU B 27 0.55 10.91 -32.76
C GLU B 27 -0.93 10.72 -32.52
N LEU B 28 -1.75 11.76 -32.62
CA LEU B 28 -3.17 11.62 -32.31
C LEU B 28 -3.87 10.64 -33.24
N ALA B 29 -3.29 10.36 -34.42
CA ALA B 29 -3.97 9.53 -35.41
C ALA B 29 -4.26 8.13 -34.89
N SER B 30 -3.46 7.65 -33.93
CA SER B 30 -3.75 6.35 -33.32
C SER B 30 -5.02 6.42 -32.48
N LEU B 31 -5.12 7.43 -31.61
CA LEU B 31 -6.24 7.51 -30.67
C LEU B 31 -7.57 7.77 -31.35
N VAL B 32 -7.57 8.20 -32.60
CA VAL B 32 -8.80 8.32 -33.37
C VAL B 32 -8.86 7.15 -34.36
N PRO B 33 -10.05 6.71 -34.77
CA PRO B 33 -10.14 5.50 -35.60
C PRO B 33 -9.98 5.77 -37.08
N THR B 34 -9.46 6.93 -37.46
CA THR B 34 -9.26 7.26 -38.87
C THR B 34 -8.08 6.51 -39.46
N LYS B 44 -1.77 19.94 -41.10
CA LYS B 44 -2.33 19.05 -40.08
C LYS B 44 -3.47 19.76 -39.36
N LEU B 45 -3.74 20.99 -39.83
CA LEU B 45 -4.98 21.65 -39.45
C LEU B 45 -6.18 20.83 -39.85
N THR B 46 -6.06 20.03 -40.93
CA THR B 46 -7.11 19.07 -41.26
C THR B 46 -7.30 18.05 -40.13
N VAL B 47 -6.20 17.56 -39.56
CA VAL B 47 -6.27 16.61 -38.46
C VAL B 47 -6.94 17.26 -37.26
N LEU B 48 -6.53 18.49 -36.93
CA LEU B 48 -7.17 19.18 -35.81
C LEU B 48 -8.64 19.45 -36.07
N ARG B 49 -9.02 19.71 -37.33
CA ARG B 49 -10.42 19.93 -37.66
C ARG B 49 -11.23 18.67 -37.43
N MET B 50 -10.77 17.54 -37.97
CA MET B 50 -11.52 16.30 -37.76
C MET B 50 -11.50 15.87 -36.31
N ALA B 51 -10.46 16.25 -35.56
CA ALA B 51 -10.41 15.90 -34.13
C ALA B 51 -11.41 16.72 -33.32
N VAL B 52 -11.45 18.04 -33.55
CA VAL B 52 -12.43 18.86 -32.85
C VAL B 52 -13.84 18.49 -33.27
N GLN B 53 -14.01 17.97 -34.48
CA GLN B 53 -15.29 17.35 -34.81
C GLN B 53 -15.53 16.11 -33.94
N HIS B 54 -14.51 15.24 -33.86
CA HIS B 54 -14.64 13.97 -33.15
C HIS B 54 -14.95 14.17 -31.67
N MET B 55 -14.55 15.32 -31.12
CA MET B 55 -14.83 15.59 -29.71
C MET B 55 -16.32 15.80 -29.46
N LYS B 56 -17.06 16.24 -30.47
CA LYS B 56 -18.46 16.62 -30.28
C LYS B 56 -19.32 15.42 -29.87
N THR B 57 -19.04 14.25 -30.45
CA THR B 57 -19.71 13.01 -30.02
C THR B 57 -18.96 12.42 -28.82
N LEU B 58 -18.88 13.22 -27.77
CA LEU B 58 -18.06 12.90 -26.60
C LEU B 58 -18.60 11.72 -25.82
N ASP B 78 -21.87 7.65 -13.71
CA ASP B 78 -21.38 6.47 -13.02
C ASP B 78 -20.36 5.72 -13.87
N GLU B 79 -19.35 6.44 -14.35
CA GLU B 79 -18.19 5.80 -14.95
C GLU B 79 -17.24 5.26 -13.89
N LEU B 80 -17.35 5.72 -12.64
CA LEU B 80 -16.37 5.42 -11.61
C LEU B 80 -16.49 3.99 -11.09
N LYS B 81 -17.70 3.42 -11.11
CA LYS B 81 -17.90 2.06 -10.60
C LYS B 81 -17.00 1.08 -11.34
N HIS B 82 -16.86 1.26 -12.64
CA HIS B 82 -16.19 0.28 -13.52
C HIS B 82 -14.73 0.09 -13.16
N LEU B 83 -14.15 0.99 -12.37
CA LEU B 83 -12.80 0.84 -11.85
C LEU B 83 -12.77 0.71 -10.34
N ILE B 84 -13.54 1.52 -9.61
CA ILE B 84 -13.44 1.55 -8.16
C ILE B 84 -14.11 0.35 -7.51
N LEU B 85 -14.95 -0.39 -8.23
CA LEU B 85 -15.37 -1.69 -7.73
C LEU B 85 -14.24 -2.71 -7.85
N ARG B 86 -13.40 -2.55 -8.86
CA ARG B 86 -12.26 -3.43 -9.11
C ARG B 86 -11.01 -2.97 -8.38
N ALA B 87 -11.04 -1.82 -7.71
CA ALA B 87 -9.83 -1.16 -7.25
C ALA B 87 -9.42 -1.58 -5.84
N ALA B 88 -10.37 -1.65 -4.91
CA ALA B 88 -10.04 -2.04 -3.54
C ALA B 88 -11.07 -2.99 -2.93
N ASP B 89 -11.84 -3.69 -3.77
CA ASP B 89 -12.90 -4.58 -3.32
C ASP B 89 -13.89 -3.86 -2.39
N GLY B 90 -14.58 -4.62 -1.56
CA GLY B 90 -15.48 -4.05 -0.57
C GLY B 90 -16.77 -3.53 -1.16
N PHE B 91 -17.70 -3.13 -0.30
CA PHE B 91 -18.98 -2.59 -0.73
C PHE B 91 -19.51 -1.65 0.33
N LEU B 92 -20.40 -0.75 -0.09
CA LEU B 92 -20.89 0.30 0.78
C LEU B 92 -22.05 -0.19 1.63
N PHE B 93 -21.95 0.09 2.94
CA PHE B 93 -23.04 -0.08 3.88
C PHE B 93 -23.13 1.19 4.71
N VAL B 94 -24.32 1.48 5.23
CA VAL B 94 -24.54 2.65 6.06
C VAL B 94 -25.06 2.20 7.42
N VAL B 95 -24.62 2.89 8.46
CA VAL B 95 -24.97 2.53 9.84
C VAL B 95 -25.87 3.61 10.42
N GLY B 96 -26.31 3.40 11.66
CA GLY B 96 -27.13 4.38 12.35
C GLY B 96 -26.41 4.99 13.53
N LYS B 101 -30.27 1.43 13.58
CA LYS B 101 -30.29 0.31 12.65
C LYS B 101 -29.25 0.47 11.54
N ILE B 102 -29.46 -0.31 10.48
CA ILE B 102 -28.74 -0.13 9.22
C ILE B 102 -29.78 0.11 8.14
N LEU B 103 -29.46 1.00 7.20
CA LEU B 103 -30.44 1.60 6.33
C LEU B 103 -30.30 1.23 4.86
N PHE B 104 -29.09 0.87 4.41
CA PHE B 104 -28.82 0.76 2.99
C PHE B 104 -27.47 0.09 2.80
N VAL B 105 -27.37 -0.74 1.76
CA VAL B 105 -26.14 -1.40 1.35
C VAL B 105 -26.09 -1.39 -0.17
N SER B 106 -25.04 -1.99 -0.73
CA SER B 106 -24.92 -2.12 -2.17
C SER B 106 -25.84 -3.24 -2.64
N GLU B 107 -25.73 -3.63 -3.91
CA GLU B 107 -26.63 -4.63 -4.47
C GLU B 107 -26.18 -6.04 -4.14
N SER B 108 -24.89 -6.31 -4.28
CA SER B 108 -24.28 -7.63 -4.04
C SER B 108 -23.32 -7.49 -2.87
N VAL B 109 -23.88 -7.51 -1.67
CA VAL B 109 -23.08 -7.50 -0.45
C VAL B 109 -22.75 -8.91 0.02
N PHE B 110 -23.47 -9.93 -0.45
CA PHE B 110 -23.16 -11.31 -0.11
C PHE B 110 -21.84 -11.77 -0.73
N LYS B 111 -21.27 -11.00 -1.66
CA LYS B 111 -19.98 -11.35 -2.25
C LYS B 111 -18.88 -11.39 -1.18
N ILE B 112 -18.91 -10.45 -0.24
CA ILE B 112 -17.86 -10.34 0.76
C ILE B 112 -18.38 -10.57 2.18
N LEU B 113 -19.69 -10.55 2.40
CA LEU B 113 -20.25 -10.79 3.72
C LEU B 113 -21.21 -11.97 3.79
N ASN B 114 -21.72 -12.43 2.65
CA ASN B 114 -22.63 -13.57 2.57
C ASN B 114 -23.91 -13.31 3.37
N TYR B 115 -24.65 -12.31 2.89
CA TYR B 115 -26.00 -12.00 3.38
C TYR B 115 -26.80 -11.38 2.25
N SER B 116 -28.11 -11.57 2.31
CA SER B 116 -29.01 -11.09 1.27
C SER B 116 -29.21 -9.58 1.42
N GLN B 117 -30.20 -9.05 0.71
CA GLN B 117 -30.48 -7.63 0.71
C GLN B 117 -31.63 -7.24 1.61
N ASN B 118 -32.62 -8.12 1.78
CA ASN B 118 -33.75 -7.84 2.66
C ASN B 118 -33.63 -8.49 4.02
N ASP B 119 -32.65 -9.37 4.22
CA ASP B 119 -32.46 -10.01 5.53
C ASP B 119 -31.65 -9.14 6.48
N LEU B 120 -31.19 -7.97 6.06
CA LEU B 120 -30.51 -7.03 6.94
C LEU B 120 -31.20 -5.69 7.10
N ILE B 121 -32.00 -5.27 6.11
CA ILE B 121 -32.82 -4.08 6.29
C ILE B 121 -34.02 -4.43 7.16
N GLY B 122 -34.36 -3.54 8.08
CA GLY B 122 -35.32 -3.89 9.12
C GLY B 122 -34.78 -4.85 10.15
N GLN B 123 -33.49 -5.17 10.05
CA GLN B 123 -32.79 -6.11 10.92
C GLN B 123 -31.59 -5.39 11.53
N SER B 124 -31.38 -5.60 12.83
CA SER B 124 -30.38 -4.82 13.55
C SER B 124 -28.97 -5.31 13.28
N LEU B 125 -28.03 -4.36 13.15
CA LEU B 125 -26.64 -4.72 12.97
C LEU B 125 -26.06 -5.37 14.22
N PHE B 126 -26.59 -5.01 15.40
CA PHE B 126 -26.09 -5.60 16.63
C PHE B 126 -26.42 -7.09 16.70
N ASP B 127 -27.59 -7.48 16.19
CA ASP B 127 -27.98 -8.89 16.16
C ASP B 127 -27.45 -9.57 14.90
N TYR B 128 -26.39 -8.96 14.33
CA TYR B 128 -25.66 -9.55 13.21
C TYR B 128 -24.17 -9.68 13.48
N LEU B 129 -23.66 -9.18 14.60
CA LEU B 129 -22.24 -9.09 14.89
C LEU B 129 -21.85 -9.95 16.11
N HIS B 130 -20.52 -10.12 16.30
CA HIS B 130 -19.93 -10.77 17.47
C HIS B 130 -19.88 -9.79 18.65
N PRO B 131 -19.96 -10.29 19.89
CA PRO B 131 -20.13 -9.38 21.04
C PRO B 131 -18.94 -8.47 21.30
N LYS B 132 -17.71 -8.96 21.07
CA LYS B 132 -16.56 -8.08 21.24
C LYS B 132 -16.65 -6.89 20.30
N ASP B 133 -16.94 -7.15 19.02
CA ASP B 133 -17.20 -6.08 18.08
C ASP B 133 -18.46 -5.30 18.43
N ILE B 134 -19.39 -5.90 19.17
CA ILE B 134 -20.57 -5.17 19.62
C ILE B 134 -20.16 -4.05 20.58
N ALA B 135 -19.37 -4.38 21.59
CA ALA B 135 -18.86 -3.34 22.49
C ALA B 135 -17.98 -2.36 21.72
N LYS B 136 -17.21 -2.86 20.75
CA LYS B 136 -16.36 -1.99 19.95
C LYS B 136 -17.19 -0.92 19.22
N VAL B 137 -18.22 -1.34 18.50
CA VAL B 137 -18.99 -0.39 17.71
C VAL B 137 -19.89 0.45 18.60
N LYS B 138 -20.27 -0.05 19.77
CA LYS B 138 -20.95 0.81 20.73
C LYS B 138 -20.05 1.95 21.19
N GLU B 139 -18.77 1.63 21.46
CA GLU B 139 -17.81 2.68 21.81
C GLU B 139 -17.52 3.60 20.62
N GLN B 140 -17.62 3.07 19.40
CA GLN B 140 -17.21 3.74 18.18
C GLN B 140 -18.40 4.31 17.39
N LEU B 141 -19.58 4.37 18.01
CA LEU B 141 -20.74 4.90 17.31
C LEU B 141 -20.58 6.38 16.98
N SER B 142 -20.44 7.21 18.02
CA SER B 142 -20.18 8.64 17.83
C SER B 142 -18.96 9.07 18.63
N ALA B 176 -13.49 13.53 12.91
CA ALA B 176 -14.22 13.60 11.66
C ALA B 176 -14.15 12.28 10.91
N ARG B 177 -12.94 11.79 10.70
CA ARG B 177 -12.70 10.56 9.95
C ARG B 177 -12.64 9.35 10.90
N ARG B 178 -12.78 8.17 10.31
CA ARG B 178 -12.89 6.92 11.08
C ARG B 178 -12.04 5.86 10.41
N SER B 179 -10.88 5.55 11.00
CA SER B 179 -10.08 4.38 10.62
C SER B 179 -10.32 3.31 11.66
N PHE B 180 -10.98 2.23 11.26
CA PHE B 180 -11.32 1.20 12.24
C PHE B 180 -11.48 -0.14 11.55
N PHE B 181 -11.22 -1.20 12.31
CA PHE B 181 -11.43 -2.57 11.85
C PHE B 181 -12.76 -3.08 12.38
N CYS B 182 -13.07 -4.32 12.00
CA CYS B 182 -14.21 -5.06 12.50
C CYS B 182 -13.88 -6.54 12.44
N ARG B 183 -14.69 -7.34 13.13
CA ARG B 183 -14.57 -8.79 13.20
C ARG B 183 -15.94 -9.38 12.88
N MET B 184 -16.52 -8.88 11.79
CA MET B 184 -17.93 -9.05 11.50
C MET B 184 -18.29 -10.52 11.31
N LYS B 185 -19.60 -10.78 11.29
CA LYS B 185 -20.15 -12.12 11.26
C LYS B 185 -20.63 -12.49 9.87
N CYS B 186 -20.34 -13.71 9.46
CA CYS B 186 -20.84 -14.25 8.21
C CYS B 186 -22.36 -14.34 8.21
N CYS B 213 -13.25 -12.16 7.44
CA CYS B 213 -14.37 -11.30 7.84
C CYS B 213 -13.88 -10.15 8.70
N THR B 214 -12.56 -10.06 8.87
CA THR B 214 -11.95 -8.91 9.54
C THR B 214 -11.94 -7.75 8.56
N ILE B 215 -12.78 -6.75 8.80
CA ILE B 215 -13.11 -5.75 7.81
C ILE B 215 -12.50 -4.42 8.23
N HIS B 216 -11.54 -3.95 7.44
CA HIS B 216 -11.03 -2.58 7.58
C HIS B 216 -11.96 -1.65 6.82
N SER B 217 -12.48 -0.64 7.52
CA SER B 217 -13.51 0.21 6.91
C SER B 217 -13.35 1.64 7.41
N THR B 218 -13.63 2.58 6.52
CA THR B 218 -13.45 4.01 6.78
C THR B 218 -14.71 4.77 6.39
N GLY B 219 -14.96 5.88 7.07
CA GLY B 219 -16.16 6.63 6.80
C GLY B 219 -16.29 7.86 7.67
N TYR B 220 -17.51 8.42 7.66
CA TYR B 220 -17.80 9.72 8.24
C TYR B 220 -19.29 9.77 8.56
N LEU B 221 -19.67 10.74 9.38
CA LEU B 221 -21.03 10.85 9.89
C LEU B 221 -21.89 11.71 8.97
N LYS B 222 -23.20 11.43 9.00
CA LYS B 222 -24.17 12.09 8.12
C LYS B 222 -25.55 11.95 8.73
N SER B 223 -26.43 12.88 8.40
CA SER B 223 -27.83 12.79 8.86
C SER B 223 -28.79 12.79 7.68
N SER B 245 -25.93 10.87 14.80
CA SER B 245 -27.19 10.54 14.15
C SER B 245 -27.05 9.27 13.32
N CYS B 246 -26.62 9.40 12.08
CA CYS B 246 -26.41 8.28 11.18
C CYS B 246 -24.97 8.26 10.69
N LEU B 247 -24.64 7.23 9.92
CA LEU B 247 -23.26 6.97 9.54
C LEU B 247 -23.20 6.52 8.09
N VAL B 248 -22.08 6.83 7.43
CA VAL B 248 -21.78 6.32 6.10
C VAL B 248 -20.32 5.90 6.08
N ALA B 249 -20.04 4.73 5.50
CA ALA B 249 -18.69 4.20 5.51
C ALA B 249 -18.56 3.09 4.47
N ILE B 250 -17.53 3.20 3.62
CA ILE B 250 -17.19 2.09 2.76
C ILE B 250 -16.50 1.01 3.59
N GLY B 251 -16.64 -0.23 3.16
CA GLY B 251 -15.95 -1.33 3.81
C GLY B 251 -14.93 -1.99 2.91
N ARG B 252 -14.00 -2.74 3.50
CA ARG B 252 -12.96 -3.42 2.74
C ARG B 252 -12.50 -4.66 3.50
N LEU B 253 -12.34 -5.76 2.79
CA LEU B 253 -11.85 -6.98 3.40
C LEU B 253 -10.34 -6.88 3.65
N MET B 271 4.94 -33.43 7.64
CA MET B 271 5.96 -33.93 8.55
C MET B 271 7.07 -32.91 8.70
N GLU B 272 6.75 -31.75 9.28
CA GLU B 272 7.70 -30.65 9.42
C GLU B 272 7.46 -29.95 10.75
N TYR B 273 8.25 -28.90 10.98
CA TYR B 273 8.07 -27.99 12.10
C TYR B 273 8.85 -26.71 11.80
N VAL B 274 8.63 -25.68 12.61
CA VAL B 274 9.32 -24.40 12.43
C VAL B 274 9.79 -23.90 13.79
N SER B 275 11.11 -23.85 13.98
CA SER B 275 11.72 -23.26 15.16
C SER B 275 13.10 -22.76 14.78
N ARG B 276 13.78 -22.13 15.73
CA ARG B 276 15.05 -21.50 15.45
C ARG B 276 15.74 -21.15 16.77
N HIS B 277 17.03 -20.86 16.68
CA HIS B 277 17.83 -20.42 17.82
C HIS B 277 18.50 -19.09 17.54
N PHE B 283 17.96 -23.93 20.36
CA PHE B 283 16.60 -23.65 19.95
C PHE B 283 15.89 -22.74 20.94
N VAL B 284 15.80 -21.44 20.61
CA VAL B 284 15.04 -20.53 21.44
C VAL B 284 13.54 -20.78 21.35
N PHE B 285 13.09 -21.43 20.28
CA PHE B 285 11.68 -21.47 19.93
C PHE B 285 11.16 -22.90 19.85
N VAL B 286 9.89 -23.07 20.21
CA VAL B 286 9.22 -24.36 20.23
C VAL B 286 8.08 -24.34 19.22
N ASP B 287 8.09 -25.31 18.30
CA ASP B 287 7.11 -25.39 17.25
C ASP B 287 5.84 -26.08 17.76
N GLN B 288 4.96 -26.47 16.84
CA GLN B 288 3.69 -27.11 17.22
C GLN B 288 3.75 -28.63 17.11
N ARG B 289 4.00 -29.14 15.91
CA ARG B 289 3.90 -30.58 15.67
C ARG B 289 5.18 -31.33 16.00
N ALA B 290 6.27 -30.63 16.32
CA ALA B 290 7.55 -31.30 16.54
C ALA B 290 7.52 -32.20 17.77
N THR B 291 6.78 -31.82 18.82
CA THR B 291 6.72 -32.65 20.01
C THR B 291 5.98 -33.96 19.77
N ALA B 292 5.10 -34.01 18.77
CA ALA B 292 4.56 -35.28 18.30
C ALA B 292 5.49 -35.96 17.32
N ILE B 293 6.41 -35.21 16.71
CA ILE B 293 7.33 -35.78 15.73
C ILE B 293 8.45 -36.54 16.42
N LEU B 294 9.29 -35.83 17.18
CA LEU B 294 10.48 -36.43 17.77
C LEU B 294 10.29 -36.79 19.24
N ALA B 295 9.06 -36.77 19.75
CA ALA B 295 8.71 -37.32 21.06
C ALA B 295 9.52 -36.68 22.18
N TYR B 296 9.31 -35.37 22.37
CA TYR B 296 10.01 -34.65 23.43
C TYR B 296 9.19 -33.43 23.81
N LEU B 297 8.84 -33.32 25.09
CA LEU B 297 8.05 -32.18 25.55
C LEU B 297 8.92 -30.93 25.66
N PRO B 298 8.32 -29.74 25.48
CA PRO B 298 9.08 -28.50 25.60
C PRO B 298 9.59 -28.21 27.01
N GLN B 299 9.36 -29.09 27.96
CA GLN B 299 10.02 -29.01 29.25
C GLN B 299 11.41 -29.61 29.23
N GLU B 300 11.97 -29.89 28.03
CA GLU B 300 13.29 -30.48 27.95
C GLU B 300 14.14 -29.97 26.78
N LEU B 301 13.70 -28.93 26.06
CA LEU B 301 14.41 -28.53 24.85
C LEU B 301 14.87 -27.08 24.83
N LEU B 302 14.05 -26.15 25.30
CA LEU B 302 14.26 -24.74 25.00
C LEU B 302 15.48 -24.19 25.73
N GLY B 303 16.10 -23.19 25.12
CA GLY B 303 17.27 -22.54 25.69
C GLY B 303 18.51 -23.39 25.81
N THR B 304 18.82 -24.17 24.78
CA THR B 304 20.04 -24.95 24.73
C THR B 304 20.58 -24.96 23.30
N SER B 305 21.85 -25.35 23.16
CA SER B 305 22.47 -25.36 21.85
C SER B 305 22.05 -26.59 21.06
N CYS B 306 22.24 -26.51 19.74
CA CYS B 306 21.77 -27.57 18.85
C CYS B 306 22.54 -28.87 19.07
N TYR B 307 23.86 -28.80 19.15
CA TYR B 307 24.69 -29.99 19.23
C TYR B 307 24.94 -30.43 20.67
N GLU B 308 24.35 -29.75 21.65
CA GLU B 308 24.46 -30.22 23.03
C GLU B 308 23.85 -31.61 23.18
N TYR B 309 22.68 -31.82 22.59
CA TYR B 309 21.99 -33.11 22.65
C TYR B 309 22.10 -33.90 21.35
N PHE B 310 22.65 -33.31 20.29
CA PHE B 310 22.74 -34.01 19.02
C PHE B 310 23.73 -35.16 19.11
N HIS B 311 23.38 -36.29 18.51
CA HIS B 311 24.28 -37.44 18.44
C HIS B 311 25.37 -37.16 17.41
N GLN B 312 26.62 -37.08 17.88
CA GLN B 312 27.74 -36.68 17.03
C GLN B 312 28.34 -37.89 16.29
N ASP B 313 27.50 -38.50 15.45
CA ASP B 313 27.97 -39.51 14.51
C ASP B 313 28.21 -38.95 13.11
N ASP B 314 27.57 -37.84 12.77
CA ASP B 314 27.88 -37.07 11.57
C ASP B 314 27.93 -35.59 11.92
N ILE B 315 28.64 -35.25 12.98
CA ILE B 315 28.77 -33.86 13.39
C ILE B 315 29.69 -33.09 12.45
N GLY B 316 30.53 -33.79 11.68
CA GLY B 316 31.51 -33.14 10.82
C GLY B 316 30.96 -32.51 9.56
N HIS B 317 30.20 -33.29 8.78
CA HIS B 317 29.58 -32.72 7.58
C HIS B 317 28.57 -31.64 7.97
N LEU B 318 27.82 -31.87 9.04
CA LEU B 318 26.94 -30.82 9.55
C LEU B 318 27.74 -29.59 9.97
N ALA B 319 28.93 -29.79 10.52
CA ALA B 319 29.78 -28.65 10.87
C ALA B 319 30.18 -27.88 9.62
N GLU B 320 30.56 -28.60 8.56
CA GLU B 320 30.90 -27.95 7.30
C GLU B 320 29.73 -27.15 6.75
N CYS B 321 28.53 -27.73 6.82
CA CYS B 321 27.35 -26.99 6.40
C CYS B 321 27.12 -25.76 7.27
N HIS B 322 27.32 -25.91 8.58
CA HIS B 322 27.10 -24.81 9.51
C HIS B 322 28.04 -23.64 9.20
N ARG B 323 29.28 -23.94 8.85
CA ARG B 323 30.21 -22.88 8.47
C ARG B 323 29.75 -22.17 7.20
N GLN B 324 29.24 -22.92 6.22
CA GLN B 324 28.88 -22.31 4.94
C GLN B 324 27.59 -21.50 5.06
N VAL B 325 26.60 -22.02 5.78
CA VAL B 325 25.34 -21.30 5.98
C VAL B 325 25.47 -20.14 6.94
N LEU B 326 26.59 -20.05 7.66
CA LEU B 326 26.76 -18.96 8.63
C LEU B 326 26.76 -17.60 7.95
N GLN B 327 27.42 -17.48 6.80
CA GLN B 327 27.53 -16.21 6.09
C GLN B 327 26.95 -16.27 4.67
N THR B 328 26.17 -17.31 4.35
CA THR B 328 25.70 -17.49 2.98
C THR B 328 24.56 -16.56 2.62
N ARG B 329 23.67 -16.25 3.57
CA ARG B 329 22.46 -15.47 3.32
C ARG B 329 21.59 -16.16 2.27
N GLU B 330 20.52 -15.48 1.84
CA GLU B 330 19.71 -15.88 0.67
C GLU B 330 19.17 -17.29 0.87
N LYS B 331 19.43 -18.24 -0.01
CA LYS B 331 18.87 -19.58 0.07
C LYS B 331 20.00 -20.57 0.31
N ILE B 332 19.80 -21.46 1.29
CA ILE B 332 20.74 -22.52 1.61
C ILE B 332 20.03 -23.85 1.43
N THR B 333 20.63 -24.74 0.64
CA THR B 333 20.08 -26.06 0.38
C THR B 333 20.47 -27.03 1.48
N THR B 334 20.32 -28.32 1.24
CA THR B 334 20.38 -29.34 2.27
C THR B 334 21.40 -30.43 1.95
N ASN B 335 21.83 -31.10 3.03
CA ASN B 335 22.40 -32.45 2.98
C ASN B 335 22.00 -33.13 4.28
N CYS B 336 22.23 -34.44 4.33
CA CYS B 336 21.55 -35.29 5.29
C CYS B 336 21.94 -34.98 6.74
N TYR B 337 21.03 -35.32 7.65
CA TYR B 337 21.24 -35.21 9.09
C TYR B 337 20.19 -36.09 9.76
N LYS B 338 20.36 -36.31 11.07
CA LYS B 338 19.51 -37.26 11.79
C LYS B 338 19.36 -36.84 13.24
N PHE B 339 18.61 -37.66 13.99
CA PHE B 339 18.54 -37.58 15.45
C PHE B 339 18.76 -38.96 16.06
N PHE B 346 18.53 -41.32 13.99
CA PHE B 346 17.31 -42.02 14.37
C PHE B 346 16.08 -41.42 13.70
N ILE B 347 16.12 -40.11 13.47
CA ILE B 347 15.05 -39.39 12.79
C ILE B 347 15.71 -38.37 11.86
N THR B 348 15.63 -38.61 10.56
CA THR B 348 16.34 -37.78 9.59
C THR B 348 15.66 -36.43 9.42
N LEU B 349 16.36 -35.36 9.79
CA LEU B 349 15.87 -34.00 9.62
C LEU B 349 16.82 -33.25 8.69
N ARG B 350 16.25 -32.57 7.71
CA ARG B 350 16.97 -32.04 6.55
C ARG B 350 16.81 -30.52 6.55
N SER B 351 17.71 -29.83 7.24
CA SER B 351 17.49 -28.44 7.60
C SER B 351 17.65 -27.50 6.40
N ARG B 352 16.76 -26.51 6.34
CA ARG B 352 16.95 -25.30 5.55
C ARG B 352 17.05 -24.12 6.50
N TRP B 353 18.12 -23.35 6.37
CA TRP B 353 18.37 -22.22 7.23
C TRP B 353 18.48 -20.96 6.38
N PHE B 354 18.00 -19.84 6.94
CA PHE B 354 17.95 -18.56 6.25
C PHE B 354 18.63 -17.53 7.12
N SER B 355 19.84 -17.12 6.73
CA SER B 355 20.56 -16.11 7.47
C SER B 355 19.78 -14.80 7.46
N PHE B 356 19.36 -14.36 8.65
CA PHE B 356 18.60 -13.13 8.77
C PHE B 356 19.37 -12.14 9.64
N MET B 357 19.07 -10.85 9.45
CA MET B 357 19.99 -9.83 9.89
C MET B 357 19.27 -8.49 9.99
N ASN B 358 19.52 -7.75 11.06
CA ASN B 358 18.95 -6.43 11.21
C ASN B 358 19.46 -5.52 10.09
N PRO B 359 18.59 -4.88 9.34
CA PRO B 359 19.06 -4.05 8.22
C PRO B 359 19.63 -2.70 8.66
N TRP B 360 19.87 -2.50 9.95
CA TRP B 360 20.48 -1.26 10.41
C TRP B 360 21.82 -1.49 11.10
N THR B 361 21.87 -2.35 12.12
CA THR B 361 23.10 -2.52 12.88
C THR B 361 24.18 -3.24 12.11
N LYS B 362 23.84 -3.89 11.00
CA LYS B 362 24.82 -4.51 10.11
C LYS B 362 25.66 -5.57 10.85
N GLU B 363 24.97 -6.47 11.54
CA GLU B 363 25.63 -7.60 12.21
C GLU B 363 24.61 -8.69 12.40
N VAL B 364 24.87 -9.86 11.81
CA VAL B 364 23.89 -10.94 11.81
C VAL B 364 23.74 -11.49 13.23
N GLU B 365 22.49 -11.71 13.64
CA GLU B 365 22.19 -12.21 14.98
C GLU B 365 21.47 -13.55 14.96
N TYR B 366 20.36 -13.65 14.22
CA TYR B 366 19.45 -14.79 14.32
C TYR B 366 19.32 -15.50 12.98
N ILE B 367 18.94 -16.77 13.04
CA ILE B 367 18.51 -17.53 11.87
C ILE B 367 17.12 -18.08 12.15
N VAL B 368 16.47 -18.59 11.11
CA VAL B 368 15.10 -19.12 11.20
C VAL B 368 15.01 -20.34 10.28
N SER B 369 14.79 -21.51 10.86
CA SER B 369 14.77 -22.74 10.09
C SER B 369 13.35 -23.09 9.65
N THR B 370 13.29 -23.97 8.65
CA THR B 370 12.06 -24.55 8.13
C THR B 370 12.25 -26.06 7.99
N ASN B 371 12.73 -26.66 9.08
CA ASN B 371 13.23 -28.02 9.07
C ASN B 371 12.20 -29.01 8.54
N THR B 372 12.66 -29.90 7.66
CA THR B 372 11.82 -30.92 7.04
C THR B 372 12.49 -32.27 7.26
N VAL B 373 11.86 -33.33 6.77
CA VAL B 373 12.37 -34.68 6.97
C VAL B 373 13.09 -35.18 5.72
#